data_7QOB
#
_entry.id   7QOB
#
_cell.length_a   62.080
_cell.length_b   70.640
_cell.length_c   121.630
_cell.angle_alpha   90.000
_cell.angle_beta   90.000
_cell.angle_gamma   90.000
#
_symmetry.space_group_name_H-M   'P 21 21 21'
#
loop_
_entity.id
_entity.type
_entity.pdbx_description
1 polymer 'Carbonic anhydrase 1'
2 non-polymer 'ZINC ION'
3 non-polymer benzoselenoate
4 water water
#
_entity_poly.entity_id   1
_entity_poly.type   'polypeptide(L)'
_entity_poly.pdbx_seq_one_letter_code
;MASPDWGYDDKNGPEQWSKLYPIANGNNQSPVDIKTSETKHDTSLKPISVSYNPATAKEIINVGHSFHVNFEDNDNRSVL
KGGPFSDSYRLFQFHFHWGSTNEHGSEHTVDGVKYSAELHVAHWNSAKYSSLAEAASKADGLAVIGVLMKVGEANPKLQK
VLDALQAIKTKGKRAPFTNFDPSTLLPSSLDFWTYPGSLTHPPLYESVTWIICKESISVSSEQLAQFRSLLSNVEGDNAV
PMQHNNRPTQPLKGRTVRASF
;
_entity_poly.pdbx_strand_id   AAA,BBB
#
loop_
_chem_comp.id
_chem_comp.type
_chem_comp.name
_chem_comp.formula
E7I non-polymer benzoselenoate 'C7 H6 O Se'
ZN non-polymer 'ZINC ION' 'Zn 2'
#
# COMPACT_ATOMS: atom_id res chain seq x y z
N TRP A 6 20.49 11.43 3.72
CA TRP A 6 19.66 11.40 4.98
C TRP A 6 18.33 10.70 4.69
N GLY A 7 17.67 10.16 5.72
CA GLY A 7 16.30 9.60 5.62
C GLY A 7 15.62 9.57 6.98
N TYR A 8 14.75 8.59 7.17
CA TYR A 8 14.08 8.29 8.46
C TYR A 8 14.42 6.86 8.91
N ASP A 9 15.50 6.25 8.39
CA ASP A 9 16.02 4.94 8.89
C ASP A 9 16.70 5.14 10.24
N ASP A 10 17.00 4.03 10.92
CA ASP A 10 17.81 4.03 12.16
C ASP A 10 19.24 4.48 11.83
N LYS A 11 19.68 4.31 10.56
CA LYS A 11 21.05 4.61 10.10
C LYS A 11 21.19 6.08 9.68
N ASN A 12 20.26 6.61 8.87
CA ASN A 12 20.35 7.98 8.27
C ASN A 12 19.25 8.91 8.84
N GLY A 13 18.82 8.67 10.09
CA GLY A 13 17.54 9.15 10.64
C GLY A 13 17.66 10.43 11.45
N PRO A 14 16.52 10.97 11.96
CA PRO A 14 16.52 12.20 12.74
C PRO A 14 17.57 12.26 13.86
N GLU A 15 17.88 11.13 14.50
CA GLU A 15 18.87 11.08 15.62
C GLU A 15 20.28 11.33 15.08
N GLN A 16 20.49 11.12 13.78
CA GLN A 16 21.82 11.11 13.10
C GLN A 16 22.07 12.41 12.33
N TRP A 17 21.00 13.13 11.99
CA TRP A 17 21.02 14.29 11.06
C TRP A 17 22.10 15.30 11.48
N SER A 18 22.32 15.49 12.79
CA SER A 18 23.29 16.47 13.39
C SER A 18 24.71 16.24 12.87
N LYS A 19 25.03 15.03 12.42
CA LYS A 19 26.41 14.66 11.99
C LYS A 19 26.72 15.46 10.72
N LEU A 20 25.80 15.50 9.75
CA LEU A 20 25.99 16.26 8.49
C LEU A 20 25.31 17.64 8.57
N TYR A 21 24.28 17.83 9.41
CA TYR A 21 23.57 19.14 9.57
C TYR A 21 23.63 19.52 11.04
N PRO A 22 24.71 20.19 11.49
CA PRO A 22 24.79 20.62 12.90
C PRO A 22 23.66 21.52 13.37
N ILE A 23 22.95 22.20 12.46
CA ILE A 23 21.82 23.11 12.80
C ILE A 23 20.71 22.26 13.44
N ALA A 24 20.71 20.94 13.27
CA ALA A 24 19.72 20.03 13.89
C ALA A 24 19.67 20.23 15.42
N ASN A 25 20.76 20.72 16.03
CA ASN A 25 20.85 21.01 17.49
C ASN A 25 20.80 22.53 17.73
N GLY A 26 20.16 23.29 16.84
CA GLY A 26 20.06 24.76 16.92
C GLY A 26 19.04 25.24 17.93
N ASN A 27 18.82 26.55 17.95
CA ASN A 27 17.97 27.26 18.93
C ASN A 27 16.55 27.47 18.38
N ASN A 28 16.33 27.25 17.06
CA ASN A 28 15.02 27.52 16.40
C ASN A 28 14.61 26.29 15.58
N GLN A 29 14.75 25.08 16.14
CA GLN A 29 14.38 23.80 15.46
C GLN A 29 12.90 23.47 15.64
N SER A 30 12.36 22.69 14.71
CA SER A 30 10.94 22.25 14.64
C SER A 30 10.90 20.75 14.39
N PRO A 31 9.81 20.04 14.76
CA PRO A 31 8.64 20.63 15.40
C PRO A 31 8.83 20.80 16.93
N VAL A 32 7.79 21.28 17.60
CA VAL A 32 7.80 21.46 19.07
C VAL A 32 6.49 20.93 19.65
N ASP A 33 6.51 20.70 20.97
CA ASP A 33 5.32 20.43 21.81
C ASP A 33 4.79 21.78 22.25
N ILE A 34 3.57 22.12 21.86
CA ILE A 34 2.84 23.33 22.28
C ILE A 34 2.16 23.03 23.62
N LYS A 35 2.73 23.52 24.72
CA LYS A 35 2.09 23.49 26.06
C LYS A 35 1.12 24.68 26.19
N THR A 36 -0.18 24.43 26.29
CA THR A 36 -1.21 25.50 26.23
C THR A 36 -1.11 26.39 27.47
N SER A 37 -0.57 25.90 28.59
CA SER A 37 -0.46 26.68 29.85
C SER A 37 0.63 27.75 29.70
N GLU A 38 1.59 27.54 28.79
CA GLU A 38 2.79 28.40 28.58
C GLU A 38 2.65 29.31 27.34
N THR A 39 1.58 29.22 26.56
CA THR A 39 1.39 30.09 25.37
C THR A 39 0.99 31.50 25.81
N LYS A 40 1.40 32.54 25.07
CA LYS A 40 1.06 33.96 25.35
C LYS A 40 0.05 34.43 24.30
N HIS A 41 -1.17 34.78 24.73
CA HIS A 41 -2.18 35.43 23.85
C HIS A 41 -1.59 36.78 23.43
N ASP A 42 -1.45 37.01 22.13
CA ASP A 42 -0.90 38.28 21.58
C ASP A 42 -2.03 38.96 20.79
N THR A 43 -2.49 40.08 21.33
CA THR A 43 -3.62 40.90 20.83
C THR A 43 -3.28 41.50 19.45
N SER A 44 -2.00 41.60 19.10
CA SER A 44 -1.52 42.25 17.85
C SER A 44 -1.61 41.32 16.64
N LEU A 45 -1.79 40.00 16.85
CA LEU A 45 -1.92 38.98 15.76
C LEU A 45 -3.24 39.17 15.00
N LYS A 46 -3.18 39.49 13.70
CA LYS A 46 -4.38 39.60 12.84
C LYS A 46 -4.83 38.20 12.43
N PRO A 47 -6.09 38.03 11.99
CA PRO A 47 -6.50 36.74 11.42
C PRO A 47 -5.59 36.33 10.25
N ILE A 48 -5.45 35.01 10.04
CA ILE A 48 -4.77 34.44 8.84
C ILE A 48 -5.74 34.54 7.67
N SER A 49 -5.24 35.03 6.54
CA SER A 49 -5.98 35.20 5.28
C SER A 49 -5.26 34.38 4.21
N VAL A 50 -5.90 33.35 3.67
CA VAL A 50 -5.37 32.62 2.48
C VAL A 50 -6.27 32.92 1.28
N SER A 51 -5.65 33.21 0.14
CA SER A 51 -6.32 33.34 -1.17
C SER A 51 -5.50 32.60 -2.21
N TYR A 52 -5.89 31.38 -2.57
CA TYR A 52 -5.15 30.51 -3.50
C TYR A 52 -5.94 30.32 -4.80
N ASN A 53 -5.25 30.39 -5.93
CA ASN A 53 -5.82 30.22 -7.29
C ASN A 53 -5.55 28.78 -7.74
N PRO A 54 -6.61 27.97 -7.98
CA PRO A 54 -6.43 26.55 -8.28
C PRO A 54 -5.63 26.32 -9.58
N ALA A 55 -5.53 27.33 -10.46
CA ALA A 55 -4.71 27.30 -11.69
C ALA A 55 -3.21 27.32 -11.35
N THR A 56 -2.79 27.64 -10.12
CA THR A 56 -1.34 27.61 -9.77
C THR A 56 -0.91 26.16 -9.49
N ALA A 57 -1.84 25.22 -9.30
CA ALA A 57 -1.47 23.82 -9.02
C ALA A 57 -0.72 23.28 -10.25
N LYS A 58 0.43 22.64 -10.03
CA LYS A 58 1.32 22.24 -11.15
C LYS A 58 1.58 20.71 -11.19
N GLU A 59 2.14 20.13 -10.15
CA GLU A 59 2.83 18.82 -10.27
C GLU A 59 2.88 18.12 -8.91
N ILE A 60 2.77 16.79 -8.94
CA ILE A 60 2.96 15.94 -7.74
C ILE A 60 4.20 15.06 -7.97
N ILE A 61 5.07 14.98 -6.98
CA ILE A 61 6.41 14.36 -7.16
C ILE A 61 6.64 13.40 -6.00
N ASN A 62 7.13 12.21 -6.30
CA ASN A 62 7.67 11.28 -5.29
C ASN A 62 9.13 11.68 -5.07
N VAL A 63 9.44 12.27 -3.92
CA VAL A 63 10.81 12.73 -3.57
C VAL A 63 11.46 11.71 -2.61
N GLY A 64 10.97 10.47 -2.55
CA GLY A 64 11.75 9.38 -1.93
C GLY A 64 11.40 9.19 -0.45
N HIS A 65 11.40 10.28 0.32
CA HIS A 65 11.08 10.33 1.77
C HIS A 65 9.64 10.81 1.98
N SER A 66 9.01 11.34 0.93
CA SER A 66 7.69 11.98 0.95
C SER A 66 7.22 12.21 -0.49
N PHE A 67 6.14 12.96 -0.64
CA PHE A 67 5.63 13.44 -1.92
C PHE A 67 5.27 14.89 -1.74
N HIS A 68 5.56 15.72 -2.74
CA HIS A 68 5.27 17.18 -2.71
C HIS A 68 4.26 17.52 -3.80
N VAL A 69 3.32 18.40 -3.51
CA VAL A 69 2.47 19.02 -4.55
C VAL A 69 2.99 20.44 -4.77
N ASN A 70 3.51 20.70 -5.96
CA ASN A 70 4.15 21.99 -6.28
C ASN A 70 3.14 22.85 -7.02
N PHE A 71 3.29 24.16 -6.80
CA PHE A 71 2.48 25.25 -7.39
C PHE A 71 3.42 26.15 -8.18
N GLU A 72 2.93 26.69 -9.30
CA GLU A 72 3.55 27.83 -10.01
C GLU A 72 3.66 28.97 -8.99
N ASP A 73 4.85 29.57 -8.86
CA ASP A 73 5.15 30.65 -7.87
C ASP A 73 5.84 31.84 -8.56
N ASN A 74 5.46 32.12 -9.80
CA ASN A 74 6.00 33.26 -10.61
C ASN A 74 5.23 34.54 -10.28
N ASP A 75 4.08 34.49 -9.61
CA ASP A 75 3.39 35.75 -9.20
C ASP A 75 2.54 35.48 -7.95
N ASN A 76 1.66 36.42 -7.61
CA ASN A 76 0.91 36.43 -6.33
C ASN A 76 -0.54 36.00 -6.54
N ARG A 77 -0.79 35.17 -7.55
CA ARG A 77 -2.11 34.51 -7.72
C ARG A 77 -2.48 33.74 -6.43
N SER A 78 -1.51 33.15 -5.72
CA SER A 78 -1.76 32.30 -4.51
C SER A 78 -0.95 32.83 -3.34
N VAL A 79 -1.59 33.40 -2.30
CA VAL A 79 -0.85 34.09 -1.20
C VAL A 79 -1.51 33.85 0.16
N LEU A 80 -0.66 33.85 1.17
CA LEU A 80 -0.96 33.97 2.63
C LEU A 80 -0.67 35.41 3.10
N LYS A 81 -1.58 36.01 3.88
CA LYS A 81 -1.40 37.33 4.54
C LYS A 81 -1.96 37.27 5.98
N GLY A 82 -1.77 38.34 6.75
CA GLY A 82 -2.30 38.47 8.12
C GLY A 82 -1.43 37.74 9.14
N GLY A 83 -2.06 37.21 10.19
CA GLY A 83 -1.31 36.54 11.26
C GLY A 83 -0.29 37.50 11.83
N PRO A 84 1.00 37.08 11.97
CA PRO A 84 2.05 37.97 12.44
C PRO A 84 2.82 38.67 11.31
N PHE A 85 2.30 38.62 10.08
CA PHE A 85 3.05 39.06 8.88
C PHE A 85 2.55 40.44 8.47
N SER A 86 3.45 41.34 8.09
CA SER A 86 3.12 42.55 7.28
C SER A 86 3.32 42.21 5.81
N ASP A 87 4.26 41.31 5.52
CA ASP A 87 4.60 40.85 4.15
C ASP A 87 3.53 39.85 3.69
N SER A 88 3.23 39.81 2.39
CA SER A 88 2.44 38.74 1.72
C SER A 88 3.40 37.59 1.39
N TYR A 89 2.99 36.34 1.62
CA TYR A 89 3.81 35.12 1.35
C TYR A 89 3.16 34.31 0.22
N ARG A 90 3.97 33.88 -0.73
CA ARG A 90 3.51 33.19 -1.96
C ARG A 90 3.50 31.68 -1.71
N LEU A 91 2.39 31.00 -2.00
CA LEU A 91 2.29 29.52 -1.95
C LEU A 91 3.28 28.91 -2.96
N PHE A 92 4.06 27.91 -2.56
CA PHE A 92 4.86 27.11 -3.53
C PHE A 92 4.61 25.60 -3.41
N GLN A 93 4.21 25.07 -2.27
CA GLN A 93 3.93 23.61 -2.20
C GLN A 93 3.17 23.24 -0.93
N PHE A 94 2.61 22.03 -0.95
CA PHE A 94 2.14 21.36 0.28
C PHE A 94 2.58 19.89 0.24
N HIS A 95 2.69 19.33 1.43
CA HIS A 95 3.06 17.92 1.68
C HIS A 95 2.51 17.48 3.04
N PHE A 96 2.71 16.21 3.37
CA PHE A 96 2.21 15.60 4.61
C PHE A 96 3.39 14.96 5.29
N HIS A 97 3.29 14.83 6.61
CA HIS A 97 4.10 13.87 7.39
C HIS A 97 3.12 12.88 8.04
N TRP A 98 3.55 11.65 8.18
CA TRP A 98 2.76 10.58 8.84
C TRP A 98 3.71 9.65 9.61
N GLY A 99 3.18 8.72 10.41
CA GLY A 99 3.97 7.77 11.22
C GLY A 99 3.66 6.31 10.88
N SER A 100 4.38 5.37 11.47
CA SER A 100 4.26 3.91 11.18
C SER A 100 2.92 3.39 11.67
N THR A 101 2.34 4.02 12.71
CA THR A 101 1.01 3.67 13.27
C THR A 101 0.19 4.94 13.48
N ASN A 102 -1.13 4.80 13.53
CA ASN A 102 -2.13 5.85 13.88
C ASN A 102 -1.76 6.62 15.16
N GLU A 103 -1.08 5.95 16.09
CA GLU A 103 -0.72 6.42 17.47
C GLU A 103 0.23 7.63 17.41
N HIS A 104 1.02 7.78 16.35
CA HIS A 104 1.92 8.94 16.13
CA HIS A 104 1.86 9.01 16.14
C HIS A 104 1.83 9.27 14.64
N GLY A 105 2.49 10.30 14.19
CA GLY A 105 2.47 10.64 12.76
C GLY A 105 2.56 12.12 12.57
N SER A 106 1.92 12.91 13.44
CA SER A 106 2.11 14.38 13.48
C SER A 106 3.58 14.69 13.85
N GLU A 107 4.02 15.89 13.52
CA GLU A 107 5.35 16.40 13.93
C GLU A 107 5.16 17.21 15.19
N HIS A 108 4.31 18.24 15.09
CA HIS A 108 3.89 19.07 16.24
C HIS A 108 3.00 18.22 17.17
N THR A 109 3.04 18.52 18.46
CA THR A 109 2.16 17.89 19.47
C THR A 109 1.56 19.04 20.28
N VAL A 110 0.37 18.83 20.85
CA VAL A 110 -0.27 19.84 21.72
C VAL A 110 -0.46 19.24 23.12
N ASP A 111 0.23 19.77 24.13
CA ASP A 111 0.16 19.27 25.52
C ASP A 111 0.52 17.77 25.51
N GLY A 112 1.54 17.37 24.76
CA GLY A 112 2.00 15.98 24.71
C GLY A 112 1.18 15.09 23.79
N VAL A 113 0.08 15.53 23.19
CA VAL A 113 -0.77 14.60 22.39
C VAL A 113 -0.22 14.54 20.96
N LYS A 114 0.02 13.32 20.50
CA LYS A 114 0.55 12.97 19.14
C LYS A 114 -0.67 12.69 18.25
N TYR A 115 -0.77 13.40 17.13
CA TYR A 115 -1.82 13.14 16.12
C TYR A 115 -1.27 12.15 15.08
N SER A 116 -2.09 11.80 14.11
CA SER A 116 -1.85 10.67 13.18
C SER A 116 -1.05 11.10 11.96
N ALA A 117 -1.13 12.37 11.60
CA ALA A 117 -0.40 12.94 10.44
C ALA A 117 -0.41 14.45 10.60
N GLU A 118 0.24 15.14 9.67
CA GLU A 118 0.27 16.62 9.70
C GLU A 118 0.35 17.15 8.26
N LEU A 119 -0.50 18.11 7.89
CA LEU A 119 -0.44 18.87 6.62
C LEU A 119 0.42 20.13 6.81
N HIS A 120 1.35 20.36 5.89
CA HIS A 120 2.27 21.53 5.77
C HIS A 120 1.99 22.26 4.46
N VAL A 121 1.53 23.50 4.53
CA VAL A 121 1.25 24.37 3.34
C VAL A 121 2.32 25.46 3.39
N ALA A 122 3.25 25.46 2.44
CA ALA A 122 4.52 26.21 2.53
C ALA A 122 4.49 27.38 1.55
N HIS A 123 5.05 28.51 1.98
CA HIS A 123 4.97 29.83 1.33
C HIS A 123 6.31 30.50 1.49
N TRP A 124 6.64 31.40 0.56
CA TRP A 124 7.91 32.16 0.64
C TRP A 124 7.68 33.67 0.54
N ASN A 125 8.57 34.42 1.17
CA ASN A 125 8.44 35.88 1.31
C ASN A 125 8.83 36.54 -0.02
N SER A 126 7.82 36.76 -0.85
CA SER A 126 7.95 37.38 -2.20
C SER A 126 7.90 38.91 -2.11
N ALA A 127 7.53 39.52 -0.98
CA ALA A 127 7.64 40.99 -0.80
C ALA A 127 9.13 41.35 -0.68
N LYS A 128 9.92 40.50 -0.02
CA LYS A 128 11.32 40.80 0.37
C LYS A 128 12.31 40.15 -0.59
N TYR A 129 12.07 38.92 -1.08
CA TYR A 129 13.06 38.14 -1.88
C TYR A 129 12.48 37.84 -3.27
N SER A 130 13.31 37.44 -4.22
CA SER A 130 12.88 37.35 -5.64
C SER A 130 12.67 35.87 -6.02
N SER A 131 13.06 34.93 -5.16
CA SER A 131 12.86 33.47 -5.40
C SER A 131 12.82 32.70 -4.08
N LEU A 132 12.23 31.51 -4.15
CA LEU A 132 12.28 30.49 -3.06
C LEU A 132 13.73 30.24 -2.65
N ALA A 133 14.64 30.02 -3.60
CA ALA A 133 16.05 29.66 -3.29
C ALA A 133 16.70 30.76 -2.44
N GLU A 134 16.37 32.03 -2.66
CA GLU A 134 16.91 33.18 -1.88
C GLU A 134 16.26 33.19 -0.48
N ALA A 135 14.95 33.00 -0.44
CA ALA A 135 14.12 33.14 0.79
C ALA A 135 14.36 31.98 1.78
N ALA A 136 14.65 30.79 1.26
CA ALA A 136 14.58 29.46 1.95
C ALA A 136 15.45 29.45 3.21
N SER A 137 16.51 30.26 3.26
CA SER A 137 17.51 30.21 4.35
C SER A 137 17.42 31.48 5.22
N LYS A 138 16.55 32.44 4.88
CA LYS A 138 16.41 33.72 5.62
C LYS A 138 15.44 33.52 6.80
N ALA A 139 15.73 34.13 7.95
CA ALA A 139 14.93 34.02 9.20
C ALA A 139 13.45 34.24 8.90
N ASP A 140 13.14 35.21 8.04
CA ASP A 140 11.76 35.63 7.70
C ASP A 140 11.34 35.14 6.30
N GLY A 141 12.01 34.13 5.76
CA GLY A 141 11.90 33.71 4.36
C GLY A 141 10.69 32.82 4.09
N LEU A 142 10.34 31.92 5.02
CA LEU A 142 9.26 30.90 4.85
C LEU A 142 8.15 31.10 5.88
N ALA A 143 6.90 30.86 5.46
CA ALA A 143 5.71 30.74 6.33
C ALA A 143 5.03 29.40 6.00
N VAL A 144 4.81 28.55 7.01
CA VAL A 144 4.23 27.20 6.81
C VAL A 144 3.04 27.04 7.77
N ILE A 145 1.87 26.78 7.20
CA ILE A 145 0.67 26.39 7.97
C ILE A 145 0.80 24.89 8.29
N GLY A 146 0.67 24.54 9.56
CA GLY A 146 0.62 23.16 10.03
C GLY A 146 -0.76 22.83 10.52
N VAL A 147 -1.34 21.73 10.05
CA VAL A 147 -2.71 21.29 10.40
C VAL A 147 -2.58 19.88 10.94
N LEU A 148 -2.87 19.70 12.22
CA LEU A 148 -2.81 18.35 12.84
C LEU A 148 -3.95 17.52 12.28
N MET A 149 -3.68 16.27 11.96
CA MET A 149 -4.67 15.39 11.30
C MET A 149 -5.02 14.26 12.28
N LYS A 150 -6.29 14.22 12.72
CA LYS A 150 -6.78 13.22 13.71
C LYS A 150 -7.48 12.07 12.99
N VAL A 151 -7.04 10.85 13.28
CA VAL A 151 -7.63 9.57 12.78
C VAL A 151 -9.11 9.55 13.18
N GLY A 152 -10.00 9.33 12.23
CA GLY A 152 -11.43 9.09 12.45
C GLY A 152 -12.10 8.90 11.10
N GLU A 153 -13.00 9.81 10.72
CA GLU A 153 -13.77 9.74 9.46
C GLU A 153 -12.84 10.01 8.28
N ALA A 154 -13.13 9.35 7.15
CA ALA A 154 -12.49 9.61 5.85
C ALA A 154 -12.69 11.09 5.54
N ASN A 155 -11.65 11.73 5.01
CA ASN A 155 -11.63 13.16 4.66
C ASN A 155 -11.76 13.28 3.13
N PRO A 156 -12.96 13.58 2.61
CA PRO A 156 -13.16 13.59 1.16
C PRO A 156 -12.34 14.66 0.41
N LYS A 157 -11.97 15.76 1.08
CA LYS A 157 -11.08 16.80 0.49
C LYS A 157 -9.67 16.20 0.22
N LEU A 158 -9.22 15.20 0.98
CA LEU A 158 -7.91 14.51 0.75
C LEU A 158 -7.92 13.72 -0.56
N GLN A 159 -9.12 13.56 -1.15
CA GLN A 159 -9.44 12.54 -2.19
C GLN A 159 -8.62 12.75 -3.45
N LYS A 160 -8.69 13.94 -4.06
CA LYS A 160 -7.94 14.20 -5.31
C LYS A 160 -6.48 13.89 -5.03
N VAL A 161 -5.97 14.24 -3.84
CA VAL A 161 -4.51 14.08 -3.56
C VAL A 161 -4.19 12.60 -3.54
N LEU A 162 -4.92 11.83 -2.75
CA LEU A 162 -4.69 10.37 -2.57
C LEU A 162 -4.85 9.62 -3.89
N ASP A 163 -5.83 9.98 -4.72
CA ASP A 163 -6.09 9.37 -6.05
C ASP A 163 -4.86 9.54 -6.97
N ALA A 164 -4.07 10.60 -6.80
CA ALA A 164 -2.93 10.91 -7.69
C ALA A 164 -1.72 10.02 -7.33
N LEU A 165 -1.66 9.40 -6.15
CA LEU A 165 -0.42 8.70 -5.73
C LEU A 165 -0.14 7.47 -6.60
N GLN A 166 -1.17 6.85 -7.20
CA GLN A 166 -0.98 5.64 -8.01
C GLN A 166 -0.10 5.96 -9.23
N ALA A 167 -0.01 7.23 -9.68
CA ALA A 167 0.88 7.61 -10.81
C ALA A 167 2.30 7.94 -10.36
N ILE A 168 2.62 7.97 -9.07
CA ILE A 168 3.97 8.42 -8.62
C ILE A 168 4.47 7.47 -7.54
N LYS A 169 4.30 6.16 -7.78
CA LYS A 169 4.48 5.12 -6.74
C LYS A 169 5.94 5.03 -6.31
N THR A 170 6.90 5.30 -7.20
CA THR A 170 8.34 5.10 -6.93
C THR A 170 9.06 6.45 -7.01
N LYS A 171 10.22 6.47 -6.37
CA LYS A 171 11.13 7.63 -6.23
C LYS A 171 11.41 8.26 -7.59
N GLY A 172 11.15 9.57 -7.68
CA GLY A 172 11.45 10.39 -8.86
C GLY A 172 10.29 10.46 -9.83
N LYS A 173 9.26 9.62 -9.67
CA LYS A 173 8.09 9.72 -10.57
C LYS A 173 7.38 11.04 -10.27
N ARG A 174 6.82 11.68 -11.30
CA ARG A 174 6.09 12.94 -11.16
C ARG A 174 4.98 12.97 -12.22
N ALA A 175 3.96 13.77 -11.99
CA ALA A 175 2.76 13.81 -12.85
C ALA A 175 2.09 15.16 -12.68
N PRO A 176 1.45 15.70 -13.74
CA PRO A 176 0.68 16.92 -13.61
C PRO A 176 -0.33 16.75 -12.47
N PHE A 177 -0.60 17.84 -11.77
CA PHE A 177 -1.60 17.92 -10.68
C PHE A 177 -2.17 19.32 -10.71
N THR A 178 -3.34 19.51 -11.31
CA THR A 178 -3.75 20.88 -11.73
C THR A 178 -5.14 21.19 -11.17
N ASN A 179 -5.48 22.47 -11.15
CA ASN A 179 -6.85 22.95 -10.85
C ASN A 179 -7.24 22.50 -9.45
N PHE A 180 -6.42 22.85 -8.47
CA PHE A 180 -6.64 22.46 -7.05
C PHE A 180 -6.27 23.61 -6.12
N ASP A 181 -7.18 23.90 -5.19
CA ASP A 181 -7.05 24.99 -4.19
C ASP A 181 -6.84 24.32 -2.83
N PRO A 182 -5.60 24.34 -2.28
CA PRO A 182 -5.31 23.60 -1.04
C PRO A 182 -5.91 24.24 0.22
N SER A 183 -6.51 25.44 0.13
CA SER A 183 -7.28 26.05 1.23
C SER A 183 -8.51 25.17 1.57
N THR A 184 -8.95 24.30 0.65
CA THR A 184 -10.05 23.33 0.85
C THR A 184 -9.67 22.26 1.87
N LEU A 185 -8.39 22.09 2.18
CA LEU A 185 -7.92 21.11 3.20
C LEU A 185 -7.83 21.76 4.58
N LEU A 186 -7.92 23.09 4.69
CA LEU A 186 -7.71 23.82 5.97
C LEU A 186 -8.96 23.72 6.84
N PRO A 187 -8.80 23.68 8.18
CA PRO A 187 -9.95 23.64 9.09
C PRO A 187 -10.85 24.89 8.95
N SER A 188 -12.07 24.82 9.48
CA SER A 188 -13.06 25.93 9.45
C SER A 188 -12.51 27.14 10.23
N SER A 189 -12.07 26.90 11.47
CA SER A 189 -11.39 27.88 12.35
C SER A 189 -9.94 27.95 11.89
N LEU A 190 -9.41 29.16 11.74
CA LEU A 190 -7.97 29.40 11.49
C LEU A 190 -7.35 30.10 12.71
N ASP A 191 -7.98 29.96 13.90
CA ASP A 191 -7.32 30.28 15.19
C ASP A 191 -6.02 29.47 15.23
N PHE A 192 -4.90 30.09 15.60
CA PHE A 192 -3.57 29.47 15.41
C PHE A 192 -2.62 29.77 16.58
N TRP A 193 -1.57 28.94 16.69
CA TRP A 193 -0.32 29.23 17.41
C TRP A 193 0.75 29.65 16.39
N THR A 194 1.68 30.54 16.76
CA THR A 194 2.84 30.88 15.90
C THR A 194 4.11 30.88 16.76
N TYR A 195 5.19 30.38 16.19
CA TYR A 195 6.56 30.43 16.79
C TYR A 195 7.58 30.45 15.66
N PRO A 196 8.78 31.01 15.92
CA PRO A 196 9.89 30.95 14.95
C PRO A 196 10.60 29.61 15.00
N GLY A 197 10.76 28.91 13.85
CA GLY A 197 11.34 27.57 13.82
C GLY A 197 11.99 27.23 12.48
N SER A 198 11.90 25.96 12.07
CA SER A 198 12.77 25.39 11.00
C SER A 198 11.96 24.49 10.06
N LEU A 199 12.57 24.10 8.93
CA LEU A 199 12.17 22.88 8.20
C LEU A 199 12.36 21.72 9.19
N THR A 200 11.48 20.71 9.14
CA THR A 200 11.55 19.52 10.02
C THR A 200 12.36 18.40 9.40
N HIS A 201 12.96 18.59 8.22
CA HIS A 201 13.99 17.67 7.67
C HIS A 201 15.16 18.45 7.08
N PRO A 202 16.30 17.79 6.83
CA PRO A 202 17.44 18.46 6.20
C PRO A 202 17.01 19.21 4.94
N PRO A 203 17.53 20.44 4.71
CA PRO A 203 18.62 21.01 5.51
C PRO A 203 18.24 21.80 6.78
N LEU A 204 17.00 21.73 7.28
CA LEU A 204 16.63 22.14 8.67
C LEU A 204 16.87 23.65 8.88
N TYR A 205 16.80 24.43 7.81
CA TYR A 205 16.97 25.90 7.81
C TYR A 205 16.02 26.49 8.86
N GLU A 206 16.52 27.44 9.65
CA GLU A 206 15.73 28.15 10.69
C GLU A 206 15.08 29.37 10.03
N SER A 207 14.20 29.12 9.07
CA SER A 207 13.65 30.11 8.08
C SER A 207 12.14 30.17 8.14
N VAL A 208 11.51 29.39 9.03
CA VAL A 208 10.04 29.18 9.06
C VAL A 208 9.39 29.91 10.25
N THR A 209 8.41 30.77 9.95
CA THR A 209 7.34 31.21 10.87
C THR A 209 6.22 30.17 10.82
N TRP A 210 6.12 29.35 11.87
CA TRP A 210 5.05 28.32 11.97
C TRP A 210 3.72 28.98 12.32
N ILE A 211 2.67 28.61 11.59
CA ILE A 211 1.25 28.88 11.88
C ILE A 211 0.57 27.53 12.11
N ILE A 212 0.30 27.16 13.36
CA ILE A 212 -0.29 25.83 13.71
C ILE A 212 -1.74 26.08 14.07
N CYS A 213 -2.66 25.46 13.31
CA CYS A 213 -4.11 25.57 13.53
C CYS A 213 -4.43 24.84 14.84
N LYS A 214 -5.32 25.43 15.65
CA LYS A 214 -5.80 24.77 16.89
C LYS A 214 -6.79 23.68 16.52
N GLU A 215 -7.56 23.85 15.43
CA GLU A 215 -8.57 22.86 14.99
C GLU A 215 -7.85 21.82 14.14
N SER A 216 -8.12 20.53 14.39
CA SER A 216 -7.57 19.41 13.58
C SER A 216 -8.44 19.20 12.34
N ILE A 217 -7.95 18.41 11.38
CA ILE A 217 -8.79 17.87 10.28
C ILE A 217 -8.79 16.35 10.44
N SER A 218 -9.78 15.67 9.86
CA SER A 218 -9.89 14.19 9.92
CA SER A 218 -9.89 14.19 9.92
C SER A 218 -9.06 13.54 8.80
N VAL A 219 -8.74 12.28 9.02
CA VAL A 219 -8.09 11.35 8.07
C VAL A 219 -8.48 9.94 8.57
N SER A 220 -8.81 9.02 7.65
CA SER A 220 -9.17 7.62 8.00
C SER A 220 -7.90 6.76 8.13
N SER A 221 -7.99 5.67 8.88
CA SER A 221 -6.93 4.63 8.97
C SER A 221 -6.54 4.17 7.55
N GLU A 222 -7.50 4.12 6.63
CA GLU A 222 -7.24 3.60 5.25
C GLU A 222 -6.55 4.72 4.45
N GLN A 223 -6.91 5.98 4.69
CA GLN A 223 -6.25 7.12 4.02
C GLN A 223 -4.77 7.17 4.41
N LEU A 224 -4.44 6.96 5.70
CA LEU A 224 -3.07 6.85 6.23
C LEU A 224 -2.30 5.71 5.57
N ALA A 225 -2.90 4.51 5.45
CA ALA A 225 -2.30 3.35 4.74
C ALA A 225 -1.88 3.71 3.30
N GLN A 226 -2.66 4.51 2.58
CA GLN A 226 -2.35 4.95 1.20
C GLN A 226 -1.04 5.73 1.20
N PHE A 227 -0.82 6.64 2.17
CA PHE A 227 0.47 7.34 2.35
C PHE A 227 1.59 6.32 2.55
N ARG A 228 1.37 5.34 3.42
CA ARG A 228 2.44 4.37 3.79
C ARG A 228 2.68 3.36 2.66
N SER A 229 1.82 3.34 1.65
CA SER A 229 1.96 2.42 0.50
C SER A 229 2.81 3.09 -0.60
N LEU A 230 3.01 4.41 -0.56
CA LEU A 230 4.05 5.07 -1.42
C LEU A 230 5.43 4.42 -1.19
N LEU A 231 6.19 4.21 -2.26
CA LEU A 231 7.53 3.55 -2.21
C LEU A 231 8.66 4.58 -2.31
N SER A 232 9.69 4.37 -1.52
CA SER A 232 10.92 5.19 -1.48
C SER A 232 11.99 4.67 -2.46
N ASN A 233 11.89 3.44 -2.92
CA ASN A 233 12.84 2.85 -3.91
C ASN A 233 12.50 3.35 -5.32
N VAL A 234 13.47 3.23 -6.24
CA VAL A 234 13.21 3.50 -7.69
C VAL A 234 12.56 2.26 -8.32
N GLU A 235 11.84 2.48 -9.41
CA GLU A 235 11.12 1.43 -10.16
C GLU A 235 12.09 0.29 -10.49
N GLY A 236 11.68 -0.96 -10.36
CA GLY A 236 12.54 -2.13 -10.68
C GLY A 236 13.23 -2.68 -9.44
N ASP A 237 13.54 -1.85 -8.47
CA ASP A 237 14.17 -2.30 -7.20
C ASP A 237 13.10 -2.98 -6.32
N ASN A 238 13.58 -3.65 -5.27
CA ASN A 238 12.79 -4.20 -4.14
C ASN A 238 11.95 -3.06 -3.54
N ALA A 239 10.66 -3.29 -3.35
CA ALA A 239 9.69 -2.28 -2.85
C ALA A 239 10.03 -1.96 -1.38
N VAL A 240 10.13 -0.67 -1.01
CA VAL A 240 10.40 -0.21 0.37
C VAL A 240 9.34 0.84 0.69
N PRO A 241 8.23 0.46 1.37
CA PRO A 241 7.19 1.42 1.74
C PRO A 241 7.74 2.62 2.53
N MET A 242 7.16 3.80 2.31
CA MET A 242 7.41 5.02 3.13
C MET A 242 6.54 4.91 4.39
N GLN A 243 6.98 4.16 5.39
CA GLN A 243 6.21 3.88 6.62
C GLN A 243 6.04 5.14 7.48
N HIS A 244 7.05 6.02 7.58
CA HIS A 244 6.97 7.22 8.47
C HIS A 244 7.97 8.29 7.99
N ASN A 245 7.69 9.55 8.30
CA ASN A 245 8.57 10.69 7.91
C ASN A 245 8.38 11.87 8.89
N ASN A 246 8.06 11.56 10.14
CA ASN A 246 7.83 12.58 11.19
C ASN A 246 9.07 12.68 12.10
N ARG A 247 9.52 13.91 12.35
CA ARG A 247 10.64 14.19 13.27
C ARG A 247 10.10 14.31 14.68
N PRO A 248 10.82 13.77 15.70
CA PRO A 248 10.48 14.06 17.10
C PRO A 248 10.43 15.56 17.41
N THR A 249 9.70 15.97 18.47
CA THR A 249 9.65 17.39 18.92
C THR A 249 10.99 17.78 19.51
N GLN A 250 11.34 19.05 19.36
CA GLN A 250 12.67 19.59 19.71
C GLN A 250 12.50 20.61 20.84
N PRO A 251 13.57 20.86 21.63
CA PRO A 251 13.52 21.83 22.72
C PRO A 251 13.18 23.26 22.25
N LEU A 252 12.30 23.97 22.97
CA LEU A 252 11.92 25.37 22.63
C LEU A 252 13.13 26.32 22.77
N LYS A 253 14.07 25.98 23.66
CA LYS A 253 15.26 26.79 24.01
C LYS A 253 14.86 28.24 24.19
N GLY A 254 13.79 28.49 24.96
CA GLY A 254 13.37 29.81 25.43
C GLY A 254 12.51 30.56 24.43
N ARG A 255 12.15 29.98 23.28
CA ARG A 255 11.20 30.63 22.35
C ARG A 255 9.84 30.66 23.02
N THR A 256 9.00 31.60 22.59
CA THR A 256 7.60 31.76 23.05
C THR A 256 6.65 31.34 21.91
N VAL A 257 5.73 30.44 22.20
CA VAL A 257 4.59 30.16 21.29
C VAL A 257 3.47 31.13 21.61
N ARG A 258 3.05 31.91 20.62
CA ARG A 258 1.96 32.90 20.73
C ARG A 258 0.67 32.27 20.20
N ALA A 259 -0.46 32.57 20.87
CA ALA A 259 -1.83 32.16 20.47
C ALA A 259 -2.55 33.38 19.93
N SER A 260 -3.27 33.25 18.82
CA SER A 260 -4.16 34.31 18.26
C SER A 260 -5.51 34.37 19.00
N PHE A 261 -5.74 33.48 19.98
CA PHE A 261 -7.05 33.21 20.62
C PHE A 261 -6.85 32.94 22.12
N TRP B 6 -6.35 -18.56 12.45
CA TRP B 6 -5.14 -18.97 11.65
C TRP B 6 -4.67 -17.79 10.82
N GLY B 7 -3.40 -17.77 10.42
CA GLY B 7 -2.77 -16.70 9.63
C GLY B 7 -1.39 -17.11 9.14
N TYR B 8 -0.50 -16.14 8.87
CA TYR B 8 0.85 -16.38 8.33
C TYR B 8 1.94 -15.87 9.28
N ASP B 9 1.56 -15.23 10.40
CA ASP B 9 2.47 -14.82 11.51
C ASP B 9 3.09 -16.03 12.21
N ASP B 10 4.12 -15.79 13.03
CA ASP B 10 4.73 -16.82 13.92
C ASP B 10 3.69 -17.28 14.95
N LYS B 11 2.83 -16.35 15.36
CA LYS B 11 1.64 -16.58 16.23
C LYS B 11 0.77 -17.72 15.71
N ASN B 12 0.26 -17.59 14.47
CA ASN B 12 -0.90 -18.37 13.98
C ASN B 12 -0.59 -18.96 12.59
N GLY B 13 0.70 -19.13 12.27
CA GLY B 13 1.19 -19.41 10.90
C GLY B 13 1.35 -20.89 10.61
N PRO B 14 1.90 -21.21 9.42
CA PRO B 14 1.99 -22.60 8.95
C PRO B 14 2.58 -23.63 9.91
N GLU B 15 3.51 -23.23 10.78
CA GLU B 15 4.14 -24.18 11.75
C GLU B 15 3.12 -24.52 12.85
N GLN B 16 2.15 -23.63 13.08
CA GLN B 16 1.12 -23.74 14.15
C GLN B 16 -0.13 -24.45 13.64
N TRP B 17 -0.33 -24.60 12.31
CA TRP B 17 -1.67 -24.89 11.73
C TRP B 17 -2.21 -26.25 12.23
N SER B 18 -1.33 -27.25 12.40
CA SER B 18 -1.71 -28.65 12.76
C SER B 18 -2.52 -28.69 14.07
N LYS B 19 -2.37 -27.71 14.95
CA LYS B 19 -3.14 -27.64 16.23
C LYS B 19 -4.65 -27.61 15.97
N LEU B 20 -5.13 -26.68 15.13
CA LEU B 20 -6.59 -26.54 14.81
C LEU B 20 -6.95 -27.36 13.58
N TYR B 21 -5.96 -27.76 12.78
CA TYR B 21 -6.13 -28.43 11.46
C TYR B 21 -5.11 -29.55 11.37
N PRO B 22 -5.35 -30.71 12.02
CA PRO B 22 -4.41 -31.84 12.04
C PRO B 22 -4.02 -32.42 10.67
N ILE B 23 -4.87 -32.23 9.65
CA ILE B 23 -4.60 -32.75 8.27
C ILE B 23 -3.34 -32.06 7.72
N ALA B 24 -2.88 -31.00 8.38
CA ALA B 24 -1.66 -30.22 8.03
C ALA B 24 -0.41 -31.12 7.99
N ASN B 25 -0.40 -32.24 8.75
CA ASN B 25 0.68 -33.26 8.73
C ASN B 25 0.22 -34.50 7.95
N GLY B 26 -0.72 -34.35 7.00
CA GLY B 26 -1.25 -35.48 6.21
C GLY B 26 -0.30 -35.93 5.11
N ASN B 27 -0.72 -36.89 4.32
CA ASN B 27 0.11 -37.53 3.27
C ASN B 27 -0.12 -36.89 1.88
N ASN B 28 -1.04 -35.93 1.74
CA ASN B 28 -1.40 -35.34 0.41
C ASN B 28 -1.41 -33.81 0.51
N GLN B 29 -0.43 -33.24 1.19
CA GLN B 29 -0.40 -31.80 1.54
C GLN B 29 0.35 -31.01 0.45
N SER B 30 -0.07 -29.77 0.24
CA SER B 30 0.43 -28.86 -0.83
C SER B 30 0.90 -27.59 -0.14
N PRO B 31 1.84 -26.83 -0.73
CA PRO B 31 2.45 -27.15 -2.02
C PRO B 31 3.64 -28.11 -1.84
N VAL B 32 4.24 -28.52 -2.97
CA VAL B 32 5.43 -29.41 -3.02
C VAL B 32 6.50 -28.84 -3.95
N ASP B 33 7.73 -29.33 -3.79
CA ASP B 33 8.83 -29.15 -4.75
C ASP B 33 8.64 -30.17 -5.86
N ILE B 34 8.65 -29.71 -7.11
CA ILE B 34 8.69 -30.58 -8.32
C ILE B 34 10.16 -30.78 -8.71
N LYS B 35 10.70 -31.96 -8.42
CA LYS B 35 12.03 -32.40 -8.90
C LYS B 35 11.86 -32.99 -10.30
N THR B 36 12.29 -32.28 -11.34
CA THR B 36 12.07 -32.63 -12.76
C THR B 36 12.74 -33.98 -13.09
N SER B 37 13.78 -34.38 -12.35
CA SER B 37 14.53 -35.63 -12.59
C SER B 37 13.71 -36.86 -12.18
N GLU B 38 12.72 -36.67 -11.29
CA GLU B 38 11.90 -37.73 -10.65
C GLU B 38 10.48 -37.79 -11.26
N THR B 39 10.10 -36.85 -12.12
CA THR B 39 8.74 -36.79 -12.69
C THR B 39 8.59 -37.92 -13.70
N LYS B 40 7.38 -38.45 -13.85
CA LYS B 40 7.07 -39.58 -14.79
C LYS B 40 6.15 -39.06 -15.91
N HIS B 41 6.52 -39.29 -17.16
CA HIS B 41 5.65 -38.99 -18.32
C HIS B 41 4.54 -40.04 -18.37
N ASP B 42 3.31 -39.57 -18.27
CA ASP B 42 2.11 -40.45 -18.36
C ASP B 42 1.39 -40.14 -19.69
N THR B 43 1.28 -41.15 -20.55
CA THR B 43 0.75 -41.03 -21.94
C THR B 43 -0.76 -40.80 -21.88
N SER B 44 -1.40 -41.07 -20.74
CA SER B 44 -2.87 -40.95 -20.55
C SER B 44 -3.25 -39.49 -20.28
N LEU B 45 -2.30 -38.61 -20.01
CA LEU B 45 -2.57 -37.17 -19.70
C LEU B 45 -2.89 -36.44 -21.01
N LYS B 46 -4.16 -36.08 -21.22
CA LYS B 46 -4.56 -35.27 -22.39
C LYS B 46 -4.08 -33.84 -22.21
N PRO B 47 -4.08 -33.02 -23.28
CA PRO B 47 -3.84 -31.60 -23.10
C PRO B 47 -4.94 -31.01 -22.19
N ILE B 48 -4.61 -29.99 -21.40
CA ILE B 48 -5.67 -29.27 -20.63
C ILE B 48 -6.36 -28.33 -21.61
N SER B 49 -7.68 -28.26 -21.55
CA SER B 49 -8.50 -27.31 -22.35
C SER B 49 -9.31 -26.47 -21.37
N VAL B 50 -9.11 -25.15 -21.35
CA VAL B 50 -9.96 -24.24 -20.53
C VAL B 50 -10.84 -23.41 -21.49
N SER B 51 -12.15 -23.38 -21.25
CA SER B 51 -13.11 -22.48 -21.94
C SER B 51 -13.94 -21.75 -20.88
N TYR B 52 -13.55 -20.52 -20.62
CA TYR B 52 -14.20 -19.62 -19.66
C TYR B 52 -14.98 -18.55 -20.44
N ASN B 53 -16.23 -18.39 -20.03
CA ASN B 53 -17.14 -17.30 -20.44
C ASN B 53 -16.88 -16.06 -19.59
N PRO B 54 -16.42 -14.94 -20.17
CA PRO B 54 -16.14 -13.75 -19.37
C PRO B 54 -17.39 -13.13 -18.70
N ALA B 55 -18.61 -13.55 -19.07
CA ALA B 55 -19.87 -13.13 -18.39
C ALA B 55 -20.02 -13.82 -17.02
N THR B 56 -19.21 -14.81 -16.68
CA THR B 56 -19.29 -15.51 -15.37
C THR B 56 -18.52 -14.75 -14.29
N ALA B 57 -17.65 -13.81 -14.66
CA ALA B 57 -16.93 -13.00 -13.68
C ALA B 57 -18.00 -12.30 -12.82
N LYS B 58 -17.88 -12.32 -11.49
CA LYS B 58 -18.94 -11.73 -10.60
C LYS B 58 -18.35 -10.67 -9.66
N GLU B 59 -17.37 -11.03 -8.83
CA GLU B 59 -17.13 -10.22 -7.60
C GLU B 59 -15.68 -10.37 -7.16
N ILE B 60 -15.08 -9.29 -6.70
CA ILE B 60 -13.77 -9.38 -6.00
C ILE B 60 -13.98 -9.08 -4.51
N ILE B 61 -13.31 -9.81 -3.63
CA ILE B 61 -13.54 -9.77 -2.15
C ILE B 61 -12.18 -9.85 -1.44
N ASN B 62 -11.97 -8.96 -0.47
CA ASN B 62 -10.85 -9.04 0.51
C ASN B 62 -11.29 -10.03 1.60
N VAL B 63 -10.59 -11.17 1.69
CA VAL B 63 -10.94 -12.28 2.63
C VAL B 63 -9.93 -12.30 3.79
N GLY B 64 -9.22 -11.20 4.05
CA GLY B 64 -8.39 -11.06 5.26
C GLY B 64 -6.96 -11.54 5.03
N HIS B 65 -6.77 -12.81 4.70
CA HIS B 65 -5.44 -13.43 4.40
C HIS B 65 -5.11 -13.27 2.90
N SER B 66 -6.13 -13.01 2.07
CA SER B 66 -5.98 -12.93 0.59
C SER B 66 -7.08 -12.04 0.00
N PHE B 67 -7.18 -12.05 -1.31
CA PHE B 67 -8.37 -11.57 -2.06
C PHE B 67 -8.72 -12.63 -3.10
N HIS B 68 -10.03 -12.77 -3.36
CA HIS B 68 -10.57 -13.78 -4.30
C HIS B 68 -11.30 -13.04 -5.42
N VAL B 69 -11.13 -13.48 -6.66
CA VAL B 69 -12.01 -13.07 -7.78
C VAL B 69 -12.98 -14.24 -8.02
N ASN B 70 -14.24 -14.07 -7.63
CA ASN B 70 -15.30 -15.11 -7.71
C ASN B 70 -16.09 -15.01 -9.01
N PHE B 71 -16.46 -16.20 -9.50
CA PHE B 71 -17.22 -16.45 -10.74
C PHE B 71 -18.59 -17.05 -10.40
N GLU B 72 -19.63 -16.71 -11.16
CA GLU B 72 -20.95 -17.40 -11.04
C GLU B 72 -20.71 -18.88 -11.33
N ASP B 73 -21.12 -19.79 -10.45
CA ASP B 73 -20.89 -21.25 -10.65
C ASP B 73 -22.20 -22.04 -10.60
N ASN B 74 -23.32 -21.42 -10.96
CA ASN B 74 -24.64 -22.08 -11.14
C ASN B 74 -24.65 -23.05 -12.35
N ASP B 75 -23.78 -22.89 -13.34
CA ASP B 75 -23.81 -23.76 -14.55
C ASP B 75 -22.39 -24.00 -15.06
N ASN B 76 -22.27 -24.69 -16.19
CA ASN B 76 -20.97 -25.10 -16.76
C ASN B 76 -20.60 -24.19 -17.92
N ARG B 77 -20.94 -22.90 -17.90
CA ARG B 77 -20.41 -21.93 -18.91
C ARG B 77 -18.88 -21.86 -18.86
N SER B 78 -18.25 -22.01 -17.69
CA SER B 78 -16.78 -21.86 -17.53
C SER B 78 -16.20 -23.14 -16.96
N VAL B 79 -15.44 -23.89 -17.77
CA VAL B 79 -15.01 -25.26 -17.43
C VAL B 79 -13.54 -25.49 -17.79
N LEU B 80 -12.93 -26.36 -17.01
CA LEU B 80 -11.62 -27.01 -17.28
C LEU B 80 -11.91 -28.47 -17.66
N LYS B 81 -11.20 -29.01 -18.64
CA LYS B 81 -11.26 -30.46 -18.94
C LYS B 81 -9.94 -30.93 -19.53
N GLY B 82 -9.85 -32.23 -19.76
CA GLY B 82 -8.62 -32.86 -20.29
C GLY B 82 -7.62 -33.07 -19.17
N GLY B 83 -6.32 -33.07 -19.48
CA GLY B 83 -5.31 -33.46 -18.49
C GLY B 83 -5.66 -34.82 -17.92
N PRO B 84 -5.71 -35.00 -16.59
CA PRO B 84 -6.01 -36.29 -15.98
C PRO B 84 -7.49 -36.55 -15.69
N PHE B 85 -8.40 -35.67 -16.14
CA PHE B 85 -9.82 -35.70 -15.72
C PHE B 85 -10.65 -36.42 -16.80
N SER B 86 -11.61 -37.26 -16.41
CA SER B 86 -12.73 -37.75 -17.27
C SER B 86 -13.80 -36.68 -17.37
N ASP B 87 -14.02 -36.01 -16.24
CA ASP B 87 -15.13 -35.06 -15.97
C ASP B 87 -14.67 -33.64 -16.29
N SER B 88 -15.61 -32.76 -16.63
CA SER B 88 -15.44 -31.30 -16.61
C SER B 88 -15.47 -30.77 -15.17
N TYR B 89 -14.67 -29.77 -14.87
CA TYR B 89 -14.67 -29.04 -13.57
C TYR B 89 -15.07 -27.58 -13.83
N ARG B 90 -15.89 -27.03 -12.94
CA ARG B 90 -16.50 -25.69 -13.08
C ARG B 90 -15.62 -24.64 -12.39
N LEU B 91 -15.14 -23.65 -13.13
CA LEU B 91 -14.45 -22.44 -12.61
C LEU B 91 -15.32 -21.78 -11.52
N PHE B 92 -14.77 -21.53 -10.34
CA PHE B 92 -15.46 -20.73 -9.30
C PHE B 92 -14.64 -19.51 -8.85
N GLN B 93 -13.31 -19.56 -8.87
CA GLN B 93 -12.50 -18.39 -8.44
C GLN B 93 -11.05 -18.50 -8.85
N PHE B 94 -10.36 -17.35 -8.80
CA PHE B 94 -8.89 -17.31 -8.83
C PHE B 94 -8.38 -16.37 -7.76
N HIS B 95 -7.15 -16.60 -7.38
CA HIS B 95 -6.45 -15.82 -6.33
C HIS B 95 -4.96 -15.99 -6.54
N PHE B 96 -4.17 -15.27 -5.74
CA PHE B 96 -2.70 -15.27 -5.79
C PHE B 96 -2.19 -15.61 -4.39
N HIS B 97 -0.97 -16.09 -4.36
CA HIS B 97 -0.07 -16.13 -3.19
C HIS B 97 1.15 -15.32 -3.58
N TRP B 98 1.71 -14.62 -2.59
CA TRP B 98 2.96 -13.87 -2.72
C TRP B 98 3.74 -13.91 -1.40
N GLY B 99 4.95 -13.36 -1.40
CA GLY B 99 5.89 -13.39 -0.26
C GLY B 99 6.31 -12.00 0.18
N SER B 100 7.08 -11.88 1.26
CA SER B 100 7.42 -10.55 1.85
C SER B 100 8.48 -9.89 1.00
N THR B 101 9.22 -10.69 0.21
CA THR B 101 10.23 -10.20 -0.77
C THR B 101 9.97 -10.85 -2.13
N ASN B 102 10.54 -10.27 -3.20
CA ASN B 102 10.50 -10.82 -4.59
C ASN B 102 11.22 -12.17 -4.70
N GLU B 103 12.16 -12.47 -3.80
CA GLU B 103 12.99 -13.70 -3.84
C GLU B 103 12.09 -14.95 -3.68
N HIS B 104 11.09 -14.91 -2.79
CA HIS B 104 10.42 -16.13 -2.30
C HIS B 104 8.94 -15.83 -2.01
N GLY B 105 8.08 -15.90 -3.04
CA GLY B 105 6.64 -15.68 -2.90
C GLY B 105 5.77 -16.79 -3.48
N SER B 106 6.29 -17.66 -4.35
CA SER B 106 5.50 -18.83 -4.86
C SER B 106 5.27 -19.83 -3.73
N GLU B 107 4.33 -20.74 -3.92
CA GLU B 107 4.06 -21.89 -3.05
C GLU B 107 4.81 -23.08 -3.62
N HIS B 108 4.47 -23.50 -4.84
CA HIS B 108 5.21 -24.60 -5.52
C HIS B 108 6.62 -24.08 -5.89
N THR B 109 7.57 -24.99 -5.94
CA THR B 109 8.97 -24.75 -6.35
C THR B 109 9.28 -25.84 -7.37
N VAL B 110 10.25 -25.58 -8.23
CA VAL B 110 10.69 -26.51 -9.31
C VAL B 110 12.21 -26.65 -9.16
N ASP B 111 12.67 -27.86 -8.85
CA ASP B 111 14.11 -28.16 -8.55
C ASP B 111 14.62 -27.15 -7.51
N GLY B 112 13.80 -26.86 -6.50
CA GLY B 112 14.14 -25.95 -5.39
C GLY B 112 14.10 -24.47 -5.75
N VAL B 113 13.73 -24.08 -6.96
CA VAL B 113 13.69 -22.63 -7.31
C VAL B 113 12.33 -22.09 -6.88
N LYS B 114 12.38 -21.07 -6.02
CA LYS B 114 11.23 -20.25 -5.55
C LYS B 114 11.01 -19.09 -6.52
N TYR B 115 9.79 -18.94 -7.00
CA TYR B 115 9.37 -17.82 -7.85
C TYR B 115 8.80 -16.71 -6.95
N SER B 116 8.42 -15.59 -7.54
CA SER B 116 8.03 -14.37 -6.80
C SER B 116 6.59 -14.45 -6.31
N ALA B 117 5.72 -15.19 -7.01
CA ALA B 117 4.29 -15.30 -6.67
C ALA B 117 3.70 -16.48 -7.44
N GLU B 118 2.43 -16.74 -7.20
CA GLU B 118 1.75 -17.89 -7.83
C GLU B 118 0.28 -17.54 -8.06
N LEU B 119 -0.23 -17.83 -9.26
CA LEU B 119 -1.66 -17.71 -9.55
C LEU B 119 -2.30 -19.08 -9.33
N HIS B 120 -3.44 -19.11 -8.66
CA HIS B 120 -4.31 -20.31 -8.49
C HIS B 120 -5.66 -20.07 -9.19
N VAL B 121 -6.04 -20.97 -10.09
CA VAL B 121 -7.36 -20.89 -10.80
C VAL B 121 -8.12 -22.15 -10.39
N ALA B 122 -9.18 -21.98 -9.59
CA ALA B 122 -9.84 -23.09 -8.89
C ALA B 122 -11.17 -23.46 -9.57
N HIS B 123 -11.49 -24.76 -9.53
CA HIS B 123 -12.59 -25.42 -10.25
C HIS B 123 -13.14 -26.53 -9.35
N TRP B 124 -14.44 -26.82 -9.44
CA TRP B 124 -15.03 -27.93 -8.65
C TRP B 124 -15.73 -28.93 -9.57
N ASN B 125 -15.81 -30.18 -9.10
CA ASN B 125 -16.28 -31.31 -9.94
C ASN B 125 -17.82 -31.29 -10.03
N SER B 126 -18.36 -30.64 -11.06
CA SER B 126 -19.82 -30.46 -11.24
C SER B 126 -20.46 -31.61 -12.06
N ALA B 127 -19.67 -32.58 -12.51
CA ALA B 127 -20.19 -33.83 -13.13
C ALA B 127 -20.62 -34.81 -12.05
N LYS B 128 -19.86 -34.91 -10.96
CA LYS B 128 -20.05 -35.91 -9.88
C LYS B 128 -20.85 -35.29 -8.73
N TYR B 129 -20.62 -34.01 -8.45
CA TYR B 129 -21.19 -33.35 -7.26
C TYR B 129 -22.15 -32.25 -7.71
N SER B 130 -22.98 -31.81 -6.78
CA SER B 130 -24.08 -30.85 -7.03
C SER B 130 -23.72 -29.47 -6.48
N SER B 131 -22.76 -29.34 -5.55
CA SER B 131 -22.28 -28.00 -5.09
C SER B 131 -20.79 -27.97 -4.76
N LEU B 132 -20.22 -26.76 -4.73
CA LEU B 132 -18.85 -26.51 -4.20
C LEU B 132 -18.74 -27.09 -2.78
N ALA B 133 -19.72 -26.82 -1.93
CA ALA B 133 -19.74 -27.27 -0.51
C ALA B 133 -19.57 -28.79 -0.47
N GLU B 134 -20.25 -29.51 -1.36
CA GLU B 134 -20.23 -30.99 -1.39
C GLU B 134 -18.86 -31.46 -1.89
N ALA B 135 -18.39 -30.87 -2.99
CA ALA B 135 -17.18 -31.26 -3.76
C ALA B 135 -15.91 -30.98 -2.95
N ALA B 136 -15.88 -29.91 -2.17
CA ALA B 136 -14.66 -29.30 -1.57
C ALA B 136 -13.88 -30.24 -0.65
N SER B 137 -14.53 -31.22 -0.02
CA SER B 137 -13.87 -32.10 0.97
C SER B 137 -13.58 -33.48 0.33
N LYS B 138 -13.94 -33.69 -0.95
CA LYS B 138 -13.82 -35.00 -1.65
C LYS B 138 -12.48 -35.06 -2.40
N ALA B 139 -11.83 -36.23 -2.46
CA ALA B 139 -10.46 -36.38 -3.04
C ALA B 139 -10.45 -35.85 -4.49
N ASP B 140 -11.53 -36.07 -5.22
CA ASP B 140 -11.70 -35.73 -6.65
C ASP B 140 -12.55 -34.47 -6.81
N GLY B 141 -12.66 -33.62 -5.78
CA GLY B 141 -13.63 -32.50 -5.78
C GLY B 141 -13.13 -31.23 -6.45
N LEU B 142 -11.85 -30.88 -6.24
CA LEU B 142 -11.27 -29.60 -6.76
C LEU B 142 -10.16 -29.87 -7.77
N ALA B 143 -10.07 -29.02 -8.78
CA ALA B 143 -8.92 -28.96 -9.72
C ALA B 143 -8.41 -27.52 -9.71
N VAL B 144 -7.11 -27.32 -9.42
CA VAL B 144 -6.52 -25.97 -9.31
C VAL B 144 -5.34 -25.92 -10.28
N ILE B 145 -5.39 -24.97 -11.21
CA ILE B 145 -4.24 -24.60 -12.07
C ILE B 145 -3.33 -23.65 -11.27
N GLY B 146 -2.05 -24.01 -11.20
CA GLY B 146 -0.99 -23.17 -10.63
C GLY B 146 -0.06 -22.67 -11.71
N VAL B 147 0.21 -21.36 -11.68
CA VAL B 147 1.13 -20.68 -12.60
C VAL B 147 2.15 -19.93 -11.77
N LEU B 148 3.41 -20.24 -11.99
CA LEU B 148 4.52 -19.56 -11.29
C LEU B 148 4.70 -18.17 -11.91
N MET B 149 4.94 -17.17 -11.06
CA MET B 149 5.08 -15.75 -11.48
C MET B 149 6.52 -15.28 -11.20
N LYS B 150 7.23 -14.91 -12.26
CA LYS B 150 8.67 -14.53 -12.25
C LYS B 150 8.79 -13.00 -12.31
N VAL B 151 9.38 -12.40 -11.29
CA VAL B 151 9.60 -10.92 -11.23
C VAL B 151 10.44 -10.51 -12.45
N GLY B 152 9.96 -9.48 -13.13
CA GLY B 152 10.59 -8.90 -14.32
C GLY B 152 9.73 -7.79 -14.85
N GLU B 153 9.32 -7.88 -16.11
CA GLU B 153 8.45 -6.90 -16.79
C GLU B 153 7.09 -6.86 -16.12
N ALA B 154 6.45 -5.68 -16.11
CA ALA B 154 5.04 -5.55 -15.69
C ALA B 154 4.21 -6.47 -16.59
N ASN B 155 3.23 -7.16 -16.03
CA ASN B 155 2.32 -8.08 -16.76
C ASN B 155 1.02 -7.32 -16.99
N PRO B 156 0.74 -6.85 -18.22
CA PRO B 156 -0.45 -6.00 -18.44
C PRO B 156 -1.77 -6.74 -18.19
N LYS B 157 -1.80 -8.06 -18.35
CA LYS B 157 -3.03 -8.86 -18.17
C LYS B 157 -3.43 -8.84 -16.69
N LEU B 158 -2.49 -8.56 -15.80
CA LEU B 158 -2.74 -8.42 -14.33
C LEU B 158 -3.47 -7.11 -14.00
N GLN B 159 -3.53 -6.19 -14.96
CA GLN B 159 -3.91 -4.76 -14.80
C GLN B 159 -5.30 -4.62 -14.18
N LYS B 160 -6.32 -5.15 -14.86
CA LYS B 160 -7.73 -4.99 -14.43
C LYS B 160 -7.85 -5.54 -13.01
N VAL B 161 -7.10 -6.61 -12.68
CA VAL B 161 -7.20 -7.19 -11.30
C VAL B 161 -6.64 -6.17 -10.33
N LEU B 162 -5.42 -5.69 -10.54
CA LEU B 162 -4.71 -4.78 -9.59
C LEU B 162 -5.47 -3.45 -9.44
N ASP B 163 -6.12 -2.97 -10.50
CA ASP B 163 -6.94 -1.73 -10.56
C ASP B 163 -8.15 -1.83 -9.62
N ALA B 164 -8.69 -3.03 -9.42
CA ALA B 164 -9.90 -3.30 -8.61
C ALA B 164 -9.57 -3.30 -7.12
N LEU B 165 -8.31 -3.45 -6.73
CA LEU B 165 -7.97 -3.63 -5.28
C LEU B 165 -8.29 -2.38 -4.45
N GLN B 166 -8.22 -1.17 -5.04
CA GLN B 166 -8.51 0.11 -4.33
C GLN B 166 -9.93 0.07 -3.75
N ALA B 167 -10.86 -0.69 -4.34
CA ALA B 167 -12.26 -0.76 -3.86
C ALA B 167 -12.42 -1.81 -2.75
N ILE B 168 -11.40 -2.62 -2.46
CA ILE B 168 -11.51 -3.75 -1.47
C ILE B 168 -10.32 -3.75 -0.53
N LYS B 169 -9.99 -2.58 -0.01
CA LYS B 169 -8.73 -2.38 0.74
C LYS B 169 -8.73 -3.20 2.03
N THR B 170 -9.87 -3.32 2.73
CA THR B 170 -9.95 -3.95 4.07
C THR B 170 -10.79 -5.23 4.06
N LYS B 171 -10.59 -6.05 5.08
CA LYS B 171 -11.26 -7.36 5.25
C LYS B 171 -12.77 -7.23 5.11
N GLY B 172 -13.35 -8.08 4.26
CA GLY B 172 -14.80 -8.18 4.07
C GLY B 172 -15.31 -7.20 3.02
N LYS B 173 -14.51 -6.25 2.52
CA LYS B 173 -14.95 -5.43 1.38
C LYS B 173 -15.02 -6.27 0.11
N ARG B 174 -15.95 -5.91 -0.77
CA ARG B 174 -16.20 -6.59 -2.04
C ARG B 174 -16.70 -5.55 -3.04
N ALA B 175 -16.52 -5.83 -4.33
CA ALA B 175 -16.99 -4.97 -5.42
C ALA B 175 -17.31 -5.85 -6.62
N PRO B 176 -18.23 -5.41 -7.50
CA PRO B 176 -18.48 -6.14 -8.73
C PRO B 176 -17.17 -6.24 -9.54
N PHE B 177 -16.92 -7.41 -10.14
CA PHE B 177 -15.78 -7.63 -11.05
C PHE B 177 -16.30 -8.47 -12.21
N THR B 178 -16.48 -7.88 -13.39
CA THR B 178 -17.33 -8.47 -14.46
C THR B 178 -16.55 -8.48 -15.78
N ASN B 179 -17.02 -9.28 -16.72
CA ASN B 179 -16.51 -9.29 -18.12
C ASN B 179 -15.01 -9.60 -18.07
N PHE B 180 -14.62 -10.78 -17.56
CA PHE B 180 -13.19 -11.15 -17.43
C PHE B 180 -13.00 -12.65 -17.62
N ASP B 181 -12.12 -12.98 -18.59
CA ASP B 181 -11.71 -14.36 -18.91
C ASP B 181 -10.33 -14.61 -18.30
N PRO B 182 -10.23 -15.37 -17.17
CA PRO B 182 -8.94 -15.55 -16.51
C PRO B 182 -7.94 -16.46 -17.26
N SER B 183 -8.36 -17.16 -18.32
CA SER B 183 -7.43 -17.88 -19.23
C SER B 183 -6.45 -16.90 -19.88
N THR B 184 -6.75 -15.59 -19.90
CA THR B 184 -5.86 -14.55 -20.45
C THR B 184 -4.62 -14.42 -19.55
N LEU B 185 -4.64 -14.97 -18.35
CA LEU B 185 -3.49 -14.88 -17.42
C LEU B 185 -2.57 -16.08 -17.56
N LEU B 186 -3.01 -17.13 -18.26
CA LEU B 186 -2.22 -18.36 -18.42
C LEU B 186 -1.07 -18.15 -19.39
N PRO B 187 0.02 -18.93 -19.29
CA PRO B 187 1.10 -18.87 -20.27
C PRO B 187 0.62 -19.44 -21.63
N SER B 188 1.38 -19.21 -22.71
CA SER B 188 1.11 -19.70 -24.10
C SER B 188 1.04 -21.23 -24.14
N SER B 189 2.08 -21.90 -23.65
CA SER B 189 2.11 -23.38 -23.52
C SER B 189 1.42 -23.79 -22.22
N LEU B 190 0.58 -24.81 -22.28
CA LEU B 190 -0.10 -25.41 -21.10
C LEU B 190 0.46 -26.82 -20.87
N ASP B 191 1.73 -27.06 -21.21
CA ASP B 191 2.49 -28.21 -20.67
C ASP B 191 2.39 -28.15 -19.15
N PHE B 192 2.15 -29.27 -18.49
CA PHE B 192 1.93 -29.24 -17.04
C PHE B 192 2.47 -30.50 -16.37
N TRP B 193 2.68 -30.35 -15.06
CA TRP B 193 2.81 -31.42 -14.06
C TRP B 193 1.49 -31.58 -13.30
N THR B 194 1.18 -32.79 -12.85
CA THR B 194 0.02 -33.00 -11.97
C THR B 194 0.35 -33.95 -10.81
N TYR B 195 -0.27 -33.71 -9.66
CA TYR B 195 -0.10 -34.55 -8.45
C TYR B 195 -1.33 -34.36 -7.58
N PRO B 196 -1.68 -35.37 -6.74
CA PRO B 196 -2.80 -35.24 -5.80
C PRO B 196 -2.38 -34.46 -4.56
N GLY B 197 -3.13 -33.40 -4.18
CA GLY B 197 -2.75 -32.58 -3.03
C GLY B 197 -3.91 -31.91 -2.35
N SER B 198 -3.65 -30.71 -1.84
CA SER B 198 -4.50 -30.08 -0.82
C SER B 198 -4.67 -28.58 -1.07
N LEU B 199 -5.64 -27.97 -0.38
CA LEU B 199 -5.65 -26.50 -0.23
C LEU B 199 -4.35 -26.16 0.49
N THR B 200 -3.75 -24.99 0.18
CA THR B 200 -2.45 -24.61 0.78
C THR B 200 -2.65 -23.78 2.06
N HIS B 201 -3.88 -23.56 2.47
CA HIS B 201 -4.18 -22.90 3.76
C HIS B 201 -5.35 -23.62 4.39
N PRO B 202 -5.61 -23.39 5.69
CA PRO B 202 -6.78 -23.98 6.35
C PRO B 202 -8.07 -23.76 5.59
N PRO B 203 -8.94 -24.78 5.48
CA PRO B 203 -8.80 -26.01 6.26
C PRO B 203 -7.91 -27.14 5.67
N LEU B 204 -7.12 -26.89 4.61
CA LEU B 204 -6.06 -27.84 4.12
C LEU B 204 -6.66 -29.19 3.66
N TYR B 205 -7.89 -29.18 3.15
CA TYR B 205 -8.60 -30.39 2.67
C TYR B 205 -7.73 -31.03 1.59
N GLU B 206 -7.59 -32.35 1.60
CA GLU B 206 -6.80 -33.09 0.58
C GLU B 206 -7.71 -33.44 -0.59
N SER B 207 -8.19 -32.41 -1.29
CA SER B 207 -9.30 -32.51 -2.27
C SER B 207 -8.90 -31.97 -3.63
N VAL B 208 -7.63 -31.61 -3.82
CA VAL B 208 -7.15 -30.84 -4.99
C VAL B 208 -6.31 -31.73 -5.92
N THR B 209 -6.72 -31.82 -7.17
CA THR B 209 -5.83 -32.29 -8.25
C THR B 209 -5.09 -31.06 -8.75
N TRP B 210 -3.80 -30.98 -8.47
CA TRP B 210 -2.95 -29.85 -8.92
C TRP B 210 -2.54 -30.01 -10.40
N ILE B 211 -2.71 -28.91 -11.15
CA ILE B 211 -2.23 -28.73 -12.54
C ILE B 211 -1.20 -27.61 -12.49
N ILE B 212 0.10 -27.91 -12.43
CA ILE B 212 1.17 -26.87 -12.36
C ILE B 212 1.73 -26.66 -13.78
N CYS B 213 1.58 -25.44 -14.30
CA CYS B 213 2.15 -25.06 -15.61
C CYS B 213 3.69 -25.11 -15.55
N LYS B 214 4.28 -25.68 -16.59
CA LYS B 214 5.74 -25.71 -16.83
C LYS B 214 6.22 -24.28 -17.07
N GLU B 215 5.47 -23.47 -17.83
CA GLU B 215 5.87 -22.09 -18.17
C GLU B 215 5.38 -21.11 -17.10
N SER B 216 6.22 -20.17 -16.74
CA SER B 216 5.90 -19.06 -15.80
C SER B 216 5.29 -17.88 -16.58
N ILE B 217 4.70 -16.94 -15.84
CA ILE B 217 4.29 -15.62 -16.38
C ILE B 217 5.07 -14.57 -15.59
N SER B 218 5.13 -13.35 -16.10
CA SER B 218 5.85 -12.23 -15.45
C SER B 218 4.92 -11.48 -14.49
N VAL B 219 5.59 -10.63 -13.70
CA VAL B 219 5.00 -9.69 -12.72
C VAL B 219 6.13 -8.72 -12.36
N SER B 220 5.83 -7.44 -12.25
CA SER B 220 6.84 -6.42 -11.89
C SER B 220 6.91 -6.30 -10.37
N SER B 221 7.99 -5.67 -9.90
CA SER B 221 8.24 -5.38 -8.47
C SER B 221 7.09 -4.52 -7.91
N GLU B 222 6.55 -3.59 -8.71
CA GLU B 222 5.48 -2.65 -8.25
C GLU B 222 4.11 -3.34 -8.24
N GLN B 223 3.88 -4.27 -9.15
CA GLN B 223 2.65 -5.11 -9.13
C GLN B 223 2.65 -5.93 -7.83
N LEU B 224 3.76 -6.56 -7.47
CA LEU B 224 3.83 -7.32 -6.19
C LEU B 224 3.54 -6.39 -5.00
N ALA B 225 4.07 -5.16 -5.00
CA ALA B 225 3.83 -4.20 -3.92
C ALA B 225 2.32 -3.87 -3.82
N GLN B 226 1.56 -3.84 -4.91
CA GLN B 226 0.10 -3.61 -4.85
C GLN B 226 -0.58 -4.77 -4.10
N PHE B 227 -0.20 -6.02 -4.37
CA PHE B 227 -0.70 -7.17 -3.56
C PHE B 227 -0.41 -6.88 -2.08
N ARG B 228 0.79 -6.42 -1.74
CA ARG B 228 1.22 -6.27 -0.32
C ARG B 228 0.58 -5.06 0.35
N SER B 229 -0.10 -4.20 -0.41
CA SER B 229 -0.75 -2.98 0.11
C SER B 229 -2.20 -3.28 0.50
N LEU B 230 -2.72 -4.45 0.12
CA LEU B 230 -4.02 -4.91 0.66
C LEU B 230 -3.89 -5.02 2.18
N LEU B 231 -4.99 -4.74 2.88
CA LEU B 231 -5.02 -4.79 4.37
C LEU B 231 -5.79 -6.02 4.84
N SER B 232 -5.27 -6.67 5.89
CA SER B 232 -5.87 -7.84 6.57
C SER B 232 -6.91 -7.40 7.60
N ASN B 233 -6.91 -6.12 8.00
CA ASN B 233 -7.78 -5.60 9.10
C ASN B 233 -9.13 -5.16 8.54
N VAL B 234 -10.15 -5.06 9.41
CA VAL B 234 -11.44 -4.44 9.05
C VAL B 234 -11.29 -2.91 9.02
N GLU B 235 -12.15 -2.26 8.27
CA GLU B 235 -12.18 -0.79 8.10
C GLU B 235 -12.24 -0.13 9.48
N GLY B 236 -11.36 0.83 9.73
CA GLY B 236 -11.39 1.59 10.98
C GLY B 236 -10.31 1.18 11.95
N ASP B 237 -9.88 -0.08 11.94
CA ASP B 237 -8.73 -0.50 12.79
C ASP B 237 -7.41 -0.05 12.14
N ASN B 238 -6.32 -0.19 12.87
CA ASN B 238 -4.98 0.19 12.38
C ASN B 238 -4.67 -0.68 11.16
N ALA B 239 -4.11 -0.09 10.10
CA ALA B 239 -3.84 -0.80 8.83
C ALA B 239 -2.78 -1.87 9.05
N VAL B 240 -3.07 -3.13 8.70
CA VAL B 240 -2.08 -4.25 8.70
C VAL B 240 -1.97 -4.78 7.26
N PRO B 241 -0.92 -4.40 6.51
CA PRO B 241 -0.72 -4.87 5.15
C PRO B 241 -0.52 -6.40 5.08
N MET B 242 -1.07 -7.00 4.02
CA MET B 242 -0.90 -8.45 3.73
C MET B 242 0.49 -8.67 3.13
N GLN B 243 1.53 -8.83 3.93
CA GLN B 243 2.91 -8.87 3.41
C GLN B 243 3.19 -10.22 2.72
N HIS B 244 2.58 -11.32 3.16
CA HIS B 244 2.87 -12.66 2.57
C HIS B 244 1.74 -13.64 2.89
N ASN B 245 1.57 -14.67 2.05
CA ASN B 245 0.52 -15.69 2.27
C ASN B 245 0.89 -16.99 1.52
N ASN B 246 2.19 -17.30 1.48
CA ASN B 246 2.72 -18.52 0.82
C ASN B 246 3.14 -19.55 1.87
N ARG B 247 2.63 -20.78 1.75
CA ARG B 247 3.00 -21.91 2.63
C ARG B 247 4.30 -22.54 2.14
N PRO B 248 5.20 -22.96 3.06
CA PRO B 248 6.36 -23.76 2.68
C PRO B 248 5.96 -25.06 1.99
N THR B 249 6.83 -25.62 1.14
CA THR B 249 6.59 -26.91 0.47
C THR B 249 6.54 -28.02 1.51
N GLN B 250 5.80 -29.07 1.21
CA GLN B 250 5.47 -30.17 2.14
C GLN B 250 6.03 -31.46 1.57
N PRO B 251 6.33 -32.47 2.43
CA PRO B 251 6.83 -33.76 1.96
C PRO B 251 5.85 -34.49 1.03
N LEU B 252 6.41 -35.05 -0.04
CA LEU B 252 5.71 -35.81 -1.10
C LEU B 252 5.12 -37.12 -0.52
N LYS B 253 5.78 -37.71 0.51
CA LYS B 253 5.28 -38.92 1.21
C LYS B 253 4.88 -39.98 0.18
N GLY B 254 5.74 -40.21 -0.82
CA GLY B 254 5.60 -41.32 -1.78
C GLY B 254 4.66 -41.01 -2.95
N ARG B 255 4.12 -39.80 -3.04
CA ARG B 255 3.26 -39.40 -4.21
C ARG B 255 4.17 -39.27 -5.43
N THR B 256 3.58 -39.41 -6.62
CA THR B 256 4.22 -39.26 -7.95
C THR B 256 3.75 -37.95 -8.58
N VAL B 257 4.69 -37.13 -9.06
CA VAL B 257 4.38 -35.95 -9.92
C VAL B 257 4.50 -36.40 -11.36
N ARG B 258 3.37 -36.47 -12.07
CA ARG B 258 3.37 -36.85 -13.50
C ARG B 258 3.57 -35.61 -14.38
N ALA B 259 4.20 -35.80 -15.54
CA ALA B 259 4.41 -34.76 -16.57
C ALA B 259 3.56 -35.10 -17.78
N SER B 260 2.97 -34.07 -18.39
CA SER B 260 2.22 -34.12 -19.67
C SER B 260 3.18 -34.17 -20.86
N PHE B 261 4.46 -33.86 -20.63
CA PHE B 261 5.45 -33.54 -21.68
C PHE B 261 6.77 -34.25 -21.35
ZN ZN C . 6.92 19.36 6.44
C2 E7I D . 10.00 21.10 3.67
C4 E7I D . 9.79 22.28 1.58
C5 E7I D . 9.13 23.30 2.24
C6 E7I D . 8.91 23.22 3.60
O E7I D . 7.99 22.85 5.74
C E7I D . 8.71 21.99 5.66
SE E7I D . 8.88 20.61 6.88
C1 E7I D . 9.31 22.09 4.32
C3 E7I D . 10.24 21.19 2.30
ZN ZN E . -4.11 -20.85 -3.39
C2 E7I F . -8.07 -21.68 -1.62
C4 E7I F . -10.42 -21.70 -2.14
C5 E7I F . -10.17 -22.55 -3.20
C6 E7I F . -8.88 -22.97 -3.47
O E7I F . -6.50 -23.64 -4.00
C E7I F . -6.47 -23.03 -3.07
SE E7I F . -4.82 -22.80 -2.20
C1 E7I F . -7.81 -22.54 -2.67
C3 E7I F . -9.37 -21.25 -1.36
#